data_8I17
#
_entry.id   8I17
#
_cell.length_a   46.852
_cell.length_b   49.084
_cell.length_c   85.195
_cell.angle_alpha   85.95
_cell.angle_beta   74.31
_cell.angle_gamma   61.80
#
_symmetry.space_group_name_H-M   'P 1'
#
loop_
_entity.id
_entity.type
_entity.pdbx_description
1 polymer 'Histone H2A type 1-B/E'
2 polymer 'Histone H2B type 1-J'
3 polymer 'FACT complex subunit SPT16'
4 non-polymer 'CHLORIDE ION'
5 water water
#
loop_
_entity_poly.entity_id
_entity_poly.type
_entity_poly.pdbx_seq_one_letter_code
_entity_poly.pdbx_strand_id
1 'polypeptide(L)'
;KAKTRSSRAGLQFPVGRVHRLLRKGNYSERVGAGAPVYLAAVLEYLTAEILELAGNAARDNKKTRIIPRHLQLAIRNDEE
LNKLLGRVTIAQGGVLPNIQ
;
A,D,G
2 'polypeptide(L)'
;SKKRKRSRKESYSIYVYKVLKQVHPDTGISSKAMGIMNSFVNDIFERIAGEASRLAHYNKRSTITSREIQTAVRLLLPGE
LAKHAVSEGTKAVTKYTSAK
;
B,E,H
3 'polypeptide(L)' GPEPEGEGSDAEEGDSESEIEDETFNPSEDDYEEEEEDSDED F,I,C
#
loop_
_chem_comp.id
_chem_comp.type
_chem_comp.name
_chem_comp.formula
CL non-polymer 'CHLORIDE ION' 'Cl -1'
#
# COMPACT_ATOMS: atom_id res chain seq x y z
N THR A 4 28.59 8.76 37.29
CA THR A 4 27.27 8.24 36.95
C THR A 4 27.14 8.00 35.44
N ARG A 5 26.50 6.88 35.08
CA ARG A 5 26.48 6.42 33.69
C ARG A 5 25.89 7.47 32.76
N SER A 6 24.76 8.07 33.15
CA SER A 6 24.12 9.05 32.28
C SER A 6 25.02 10.27 32.07
N SER A 7 25.72 10.71 33.13
CA SER A 7 26.62 11.86 33.01
C SER A 7 27.80 11.56 32.09
N ARG A 8 28.36 10.35 32.19
CA ARG A 8 29.48 9.98 31.33
C ARG A 8 29.08 9.99 29.86
N ALA A 9 27.81 9.70 29.56
CA ALA A 9 27.30 9.67 28.20
C ALA A 9 26.76 11.01 27.73
N GLY A 10 26.76 12.02 28.60
CA GLY A 10 26.19 13.32 28.27
C GLY A 10 24.68 13.34 28.14
N LEU A 11 23.98 12.42 28.80
CA LEU A 11 22.55 12.26 28.64
C LEU A 11 21.81 12.78 29.87
N GLN A 12 20.55 13.18 29.65
CA GLN A 12 19.58 13.43 30.71
C GLN A 12 18.76 12.20 31.04
N PHE A 13 18.51 11.35 30.05
CA PHE A 13 17.77 10.13 30.29
C PHE A 13 18.57 9.15 31.14
N PRO A 14 17.88 8.36 31.98
CA PRO A 14 18.57 7.52 32.98
C PRO A 14 19.10 6.23 32.37
N VAL A 15 20.42 6.17 32.16
CA VAL A 15 21.01 4.98 31.55
C VAL A 15 20.86 3.77 32.47
N GLY A 16 21.04 3.97 33.77
CA GLY A 16 20.92 2.87 34.71
C GLY A 16 19.56 2.21 34.65
N ARG A 17 18.50 3.02 34.59
CA ARG A 17 17.15 2.44 34.51
C ARG A 17 16.94 1.70 33.19
N VAL A 18 17.37 2.30 32.07
CA VAL A 18 17.26 1.62 30.78
C VAL A 18 17.97 0.28 30.83
N HIS A 19 19.14 0.24 31.47
CA HIS A 19 19.84 -1.02 31.68
C HIS A 19 19.01 -2.00 32.51
N ARG A 20 18.47 -1.52 33.64
CA ARG A 20 17.61 -2.38 34.47
C ARG A 20 16.43 -2.91 33.67
N LEU A 21 15.80 -2.07 32.85
CA LEU A 21 14.65 -2.51 32.08
C LEU A 21 15.04 -3.49 30.98
N LEU A 22 16.22 -3.34 30.38
CA LEU A 22 16.67 -4.31 29.38
C LEU A 22 16.98 -5.65 30.01
N ARG A 23 17.52 -5.65 31.22
CA ARG A 23 17.88 -6.90 31.90
C ARG A 23 16.64 -7.60 32.44
N LYS A 24 15.68 -6.85 32.97
CA LYS A 24 14.48 -7.43 33.57
C LYS A 24 13.49 -7.93 32.53
N GLY A 25 13.55 -7.43 31.30
CA GLY A 25 12.58 -7.77 30.27
C GLY A 25 12.82 -9.08 29.56
N ASN A 26 13.84 -9.85 29.94
CA ASN A 26 14.16 -11.12 29.29
C ASN A 26 14.27 -10.95 27.78
N TYR A 27 15.06 -9.95 27.37
CA TYR A 27 15.33 -9.72 25.96
C TYR A 27 16.50 -10.56 25.47
N SER A 28 17.47 -10.82 26.33
CA SER A 28 18.60 -11.68 26.01
C SER A 28 19.17 -12.23 27.30
N GLU A 29 20.17 -13.09 27.17
CA GLU A 29 20.86 -13.61 28.35
C GLU A 29 21.69 -12.52 29.01
N ARG A 30 22.41 -11.72 28.22
CA ARG A 30 23.27 -10.67 28.71
C ARG A 30 22.96 -9.38 27.96
N VAL A 31 23.40 -8.26 28.56
CA VAL A 31 23.28 -6.94 27.97
C VAL A 31 24.63 -6.25 28.03
N GLY A 32 25.12 -5.78 26.88
CA GLY A 32 26.37 -5.07 26.86
C GLY A 32 26.24 -3.68 27.47
N ALA A 33 27.37 -3.17 27.98
CA ALA A 33 27.32 -1.88 28.67
C ALA A 33 26.90 -0.76 27.73
N GLY A 34 27.29 -0.83 26.46
CA GLY A 34 26.94 0.22 25.53
C GLY A 34 25.48 0.21 25.11
N ALA A 35 24.80 -0.94 25.22
CA ALA A 35 23.43 -1.04 24.74
C ALA A 35 22.48 -0.06 25.40
N PRO A 36 22.39 0.02 26.74
CA PRO A 36 21.45 0.99 27.33
C PRO A 36 21.87 2.43 27.14
N VAL A 37 23.17 2.71 26.98
CA VAL A 37 23.61 4.06 26.67
C VAL A 37 23.05 4.49 25.32
N TYR A 38 23.28 3.67 24.30
CA TYR A 38 22.79 3.97 22.95
C TYR A 38 21.28 4.15 22.97
N LEU A 39 20.58 3.23 23.62
CA LEU A 39 19.12 3.27 23.60
C LEU A 39 18.60 4.48 24.39
N ALA A 40 19.19 4.77 25.56
CA ALA A 40 18.76 5.95 26.31
C ALA A 40 18.98 7.21 25.47
N ALA A 41 20.03 7.23 24.67
CA ALA A 41 20.32 8.40 23.86
C ALA A 41 19.28 8.56 22.78
N VAL A 42 18.79 7.44 22.22
CA VAL A 42 17.79 7.49 21.17
C VAL A 42 16.44 7.92 21.73
N LEU A 43 16.05 7.38 22.89
CA LEU A 43 14.84 7.83 23.56
C LEU A 43 14.88 9.31 23.87
N GLU A 44 16.05 9.82 24.32
CA GLU A 44 16.16 11.23 24.67
C GLU A 44 16.01 12.11 23.43
N TYR A 45 16.61 11.68 22.33
CA TYR A 45 16.53 12.43 21.07
C TYR A 45 15.09 12.42 20.54
N LEU A 46 14.44 11.27 20.56
CA LEU A 46 13.07 11.20 20.08
C LEU A 46 12.15 12.06 20.94
N THR A 47 12.32 12.01 22.27
CA THR A 47 11.60 12.91 23.17
C THR A 47 11.79 14.37 22.78
N ALA A 48 13.05 14.78 22.51
CA ALA A 48 13.33 16.16 22.15
C ALA A 48 12.63 16.56 20.85
N GLU A 49 12.62 15.65 19.87
CA GLU A 49 12.01 15.97 18.59
C GLU A 49 10.51 16.14 18.74
N ILE A 50 9.86 15.29 19.55
CA ILE A 50 8.43 15.41 19.79
C ILE A 50 8.12 16.72 20.51
N LEU A 51 8.86 17.00 21.59
CA LEU A 51 8.61 18.20 22.37
C LEU A 51 8.87 19.47 21.55
N GLU A 52 9.89 19.43 20.67
CA GLU A 52 10.16 20.58 19.81
C GLU A 52 8.93 20.93 18.97
N LEU A 53 8.32 19.93 18.32
CA LEU A 53 7.20 20.20 17.43
C LEU A 53 5.91 20.47 18.21
N ALA A 54 5.67 19.71 19.27
CA ALA A 54 4.54 20.02 20.14
C ALA A 54 4.69 21.40 20.76
N GLY A 55 5.91 21.76 21.17
CA GLY A 55 6.14 23.10 21.68
C GLY A 55 5.89 24.18 20.65
N ASN A 56 6.32 23.95 19.39
CA ASN A 56 6.00 24.89 18.33
C ASN A 56 4.49 25.04 18.13
N ALA A 57 3.75 23.94 18.24
CA ALA A 57 2.30 24.01 18.09
C ALA A 57 1.67 24.83 19.22
N ALA A 58 2.19 24.68 20.44
CA ALA A 58 1.65 25.45 21.55
C ALA A 58 1.88 26.95 21.34
N ARG A 59 3.06 27.30 20.81
CA ARG A 59 3.40 28.71 20.60
C ARG A 59 2.58 29.30 19.44
N ASP A 60 2.42 28.55 18.35
CA ASP A 60 1.52 28.99 17.28
C ASP A 60 0.09 29.15 17.78
N ASN A 61 -0.30 28.35 18.77
CA ASN A 61 -1.61 28.39 19.43
C ASN A 61 -1.69 29.48 20.50
N LYS A 62 -0.65 30.31 20.61
CA LYS A 62 -0.56 31.38 21.61
C LYS A 62 -0.75 30.83 23.03
N LYS A 63 -0.25 29.62 23.26
CA LYS A 63 -0.41 28.93 24.53
C LYS A 63 0.93 28.84 25.25
N THR A 64 0.85 28.69 26.57
CA THR A 64 2.01 28.73 27.45
C THR A 64 2.46 27.34 27.90
N ARG A 65 1.74 26.30 27.52
CA ARG A 65 2.10 24.94 27.88
C ARG A 65 1.59 24.00 26.79
N ILE A 66 2.25 22.86 26.68
CA ILE A 66 1.87 21.77 25.78
C ILE A 66 0.71 21.00 26.40
N ILE A 67 -0.36 20.81 25.63
CA ILE A 67 -1.51 20.01 26.05
C ILE A 67 -1.62 18.84 25.07
N PRO A 68 -2.46 17.83 25.32
CA PRO A 68 -2.56 16.70 24.36
C PRO A 68 -2.85 17.11 22.93
N ARG A 69 -3.72 18.11 22.72
CA ARG A 69 -4.03 18.54 21.36
C ARG A 69 -2.77 18.99 20.61
N HIS A 70 -1.80 19.57 21.32
CA HIS A 70 -0.57 20.00 20.66
C HIS A 70 0.29 18.81 20.25
N LEU A 71 0.33 17.76 21.07
CA LEU A 71 1.04 16.53 20.70
C LEU A 71 0.39 15.86 19.50
N GLN A 72 -0.95 15.77 19.51
CA GLN A 72 -1.68 15.19 18.39
C GLN A 72 -1.35 15.94 17.10
N LEU A 73 -1.44 17.28 17.15
CA LEU A 73 -1.10 18.11 16.00
C LEU A 73 0.30 17.83 15.52
N ALA A 74 1.25 17.77 16.46
CA ALA A 74 2.65 17.61 16.10
C ALA A 74 2.89 16.28 15.41
N ILE A 75 2.32 15.19 15.93
CA ILE A 75 2.51 13.89 15.31
C ILE A 75 1.83 13.85 13.94
N ARG A 76 0.62 14.37 13.84
CA ARG A 76 -0.11 14.22 12.58
C ARG A 76 0.49 15.09 11.46
N ASN A 77 1.03 16.26 11.80
CA ASN A 77 1.53 17.17 10.78
C ASN A 77 2.98 16.92 10.39
N ASP A 78 3.65 15.98 11.03
CA ASP A 78 5.04 15.62 10.74
C ASP A 78 5.05 14.20 10.16
N GLU A 79 5.42 14.09 8.87
CA GLU A 79 5.35 12.79 8.20
C GLU A 79 6.13 11.71 8.95
N GLU A 80 7.28 12.07 9.50
CA GLU A 80 8.12 11.03 10.10
C GLU A 80 7.61 10.61 11.47
N LEU A 81 7.20 11.55 12.31
CA LEU A 81 6.60 11.19 13.59
C LEU A 81 5.25 10.51 13.40
N ASN A 82 4.50 10.90 12.38
CA ASN A 82 3.24 10.21 12.11
C ASN A 82 3.51 8.76 11.75
N LYS A 83 4.53 8.52 10.92
CA LYS A 83 4.88 7.14 10.60
C LYS A 83 5.32 6.38 11.85
N LEU A 84 6.06 7.05 12.73
CA LEU A 84 6.62 6.36 13.90
C LEU A 84 5.54 6.07 14.94
N LEU A 85 4.70 7.07 15.25
CA LEU A 85 3.81 7.00 16.39
C LEU A 85 2.33 7.02 16.05
N GLY A 86 1.97 7.17 14.76
CA GLY A 86 0.57 7.38 14.41
C GLY A 86 -0.36 6.25 14.79
N ARG A 87 0.20 5.07 15.10
CA ARG A 87 -0.59 3.92 15.54
C ARG A 87 -0.72 3.83 17.05
N VAL A 88 0.08 4.57 17.81
CA VAL A 88 -0.04 4.60 19.26
C VAL A 88 -1.29 5.38 19.67
N GLU B 10 9.78 5.31 38.53
CA GLU B 10 8.44 4.88 38.17
C GLU B 10 8.09 5.20 36.71
N SER B 11 8.43 6.42 36.27
CA SER B 11 8.15 6.87 34.92
C SER B 11 9.32 7.74 34.45
N TYR B 12 9.20 8.32 33.25
CA TYR B 12 10.22 9.20 32.70
C TYR B 12 9.89 10.69 32.83
N SER B 13 8.86 11.04 33.62
CA SER B 13 8.32 12.40 33.57
C SER B 13 9.40 13.46 33.81
N ILE B 14 10.17 13.33 34.89
CA ILE B 14 11.20 14.32 35.21
C ILE B 14 12.22 14.44 34.09
N TYR B 15 12.57 13.33 33.43
CA TYR B 15 13.53 13.42 32.33
C TYR B 15 12.91 14.05 31.09
N VAL B 16 11.65 13.73 30.81
CA VAL B 16 10.91 14.44 29.76
C VAL B 16 10.89 15.94 30.05
N TYR B 17 10.60 16.31 31.30
CA TYR B 17 10.59 17.74 31.65
C TYR B 17 11.97 18.36 31.43
N LYS B 18 13.05 17.67 31.81
CA LYS B 18 14.38 18.25 31.62
C LYS B 18 14.67 18.45 30.14
N VAL B 19 14.27 17.51 29.28
CA VAL B 19 14.42 17.72 27.85
C VAL B 19 13.59 18.89 27.37
N LEU B 20 12.34 19.00 27.84
CA LEU B 20 11.51 20.17 27.54
C LEU B 20 12.21 21.48 27.90
N LYS B 21 12.88 21.53 29.05
CA LYS B 21 13.53 22.79 29.41
C LYS B 21 14.70 23.13 28.48
N GLN B 22 15.26 22.15 27.78
CA GLN B 22 16.28 22.48 26.78
C GLN B 22 15.67 22.95 25.48
N VAL B 23 14.62 22.28 25.01
CA VAL B 23 14.08 22.60 23.68
C VAL B 23 13.16 23.81 23.73
N HIS B 24 12.38 23.95 24.81
CA HIS B 24 11.45 25.07 24.97
C HIS B 24 11.41 25.49 26.42
N PRO B 25 12.39 26.28 26.88
CA PRO B 25 12.49 26.56 28.31
C PRO B 25 11.26 27.22 28.91
N ASP B 26 10.66 28.18 28.20
CA ASP B 26 9.50 28.89 28.73
C ASP B 26 8.20 28.10 28.64
N THR B 27 8.18 26.94 28.00
CA THR B 27 6.94 26.21 27.76
C THR B 27 6.72 25.11 28.81
N GLY B 28 5.55 25.11 29.44
CA GLY B 28 5.19 24.05 30.37
C GLY B 28 4.57 22.86 29.65
N ILE B 29 4.09 21.90 30.45
CA ILE B 29 3.42 20.72 29.89
C ILE B 29 2.35 20.26 30.87
N SER B 30 1.15 19.99 30.35
CA SER B 30 0.06 19.57 31.22
C SER B 30 0.28 18.15 31.70
N SER B 31 -0.41 17.80 32.79
CA SER B 31 -0.24 16.46 33.34
C SER B 31 -0.71 15.40 32.35
N LYS B 32 -1.82 15.65 31.63
CA LYS B 32 -2.27 14.67 30.65
C LYS B 32 -1.27 14.53 29.50
N ALA B 33 -0.75 15.65 29.00
CA ALA B 33 0.24 15.56 27.95
C ALA B 33 1.50 14.83 28.42
N MET B 34 1.89 15.02 29.69
CA MET B 34 3.04 14.29 30.20
C MET B 34 2.77 12.78 30.22
N GLY B 35 1.52 12.40 30.50
CA GLY B 35 1.15 11.00 30.43
C GLY B 35 1.31 10.43 29.03
N ILE B 36 0.94 11.20 28.01
CA ILE B 36 1.11 10.76 26.62
C ILE B 36 2.60 10.60 26.30
N MET B 37 3.42 11.58 26.70
CA MET B 37 4.86 11.47 26.47
C MET B 37 5.42 10.19 27.09
N ASN B 38 5.02 9.89 28.32
CA ASN B 38 5.47 8.65 28.94
C ASN B 38 5.07 7.45 28.11
N SER B 39 3.85 7.46 27.53
CA SER B 39 3.40 6.36 26.70
C SER B 39 4.25 6.22 25.45
N PHE B 40 4.62 7.35 24.84
CA PHE B 40 5.48 7.29 23.66
C PHE B 40 6.85 6.69 24.01
N VAL B 41 7.46 7.15 25.11
CA VAL B 41 8.79 6.64 25.46
C VAL B 41 8.71 5.14 25.72
N ASN B 42 7.70 4.69 26.45
CA ASN B 42 7.60 3.27 26.77
C ASN B 42 7.39 2.46 25.51
N ASP B 43 6.58 2.97 24.57
CA ASP B 43 6.31 2.25 23.34
C ASP B 43 7.57 2.13 22.49
N ILE B 44 8.32 3.24 22.35
CA ILE B 44 9.54 3.22 21.57
C ILE B 44 10.57 2.31 22.21
N PHE B 45 10.68 2.39 23.55
CA PHE B 45 11.56 1.48 24.26
C PHE B 45 11.25 0.04 23.89
N GLU B 46 9.97 -0.34 24.01
CA GLU B 46 9.61 -1.73 23.81
C GLU B 46 9.85 -2.18 22.37
N ARG B 47 9.61 -1.29 21.40
CA ARG B 47 9.83 -1.62 20.00
C ARG B 47 11.30 -1.88 19.70
N ILE B 48 12.19 -0.99 20.17
CA ILE B 48 13.61 -1.16 19.89
C ILE B 48 14.18 -2.37 20.61
N ALA B 49 13.82 -2.54 21.90
CA ALA B 49 14.35 -3.67 22.64
C ALA B 49 13.87 -4.99 22.06
N GLY B 50 12.61 -5.05 21.63
CA GLY B 50 12.10 -6.27 21.04
C GLY B 50 12.79 -6.59 19.72
N GLU B 51 13.02 -5.57 18.90
CA GLU B 51 13.72 -5.80 17.64
C GLU B 51 15.18 -6.16 17.87
N ALA B 52 15.84 -5.50 18.83
CA ALA B 52 17.22 -5.89 19.12
C ALA B 52 17.31 -7.31 19.64
N SER B 53 16.29 -7.75 20.38
CA SER B 53 16.23 -9.12 20.87
C SER B 53 16.16 -10.13 19.72
N ARG B 54 15.33 -9.86 18.72
CA ARG B 54 15.22 -10.79 17.60
C ARG B 54 16.51 -10.81 16.78
N LEU B 55 17.12 -9.64 16.59
CA LEU B 55 18.36 -9.56 15.82
C LEU B 55 19.47 -10.36 16.48
N ALA B 56 19.59 -10.23 17.80
CA ALA B 56 20.59 -11.02 18.52
C ALA B 56 20.29 -12.51 18.39
N HIS B 57 19.01 -12.87 18.36
CA HIS B 57 18.66 -14.27 18.11
C HIS B 57 19.00 -14.69 16.69
N TYR B 58 18.69 -13.83 15.70
CA TYR B 58 19.04 -14.16 14.32
C TYR B 58 20.54 -14.38 14.17
N ASN B 59 21.35 -13.61 14.91
CA ASN B 59 22.80 -13.70 14.82
C ASN B 59 23.40 -14.73 15.77
N LYS B 60 22.56 -15.47 16.50
CA LYS B 60 23.04 -16.53 17.40
C LYS B 60 23.95 -15.98 18.49
N ARG B 61 23.63 -14.78 18.95
CA ARG B 61 24.37 -14.08 20.00
C ARG B 61 23.52 -14.06 21.27
N SER B 62 24.16 -14.33 22.39
CA SER B 62 23.49 -14.36 23.69
C SER B 62 23.36 -12.98 24.33
N THR B 63 23.94 -11.94 23.74
CA THR B 63 23.97 -10.63 24.36
C THR B 63 23.51 -9.56 23.38
N ILE B 64 22.73 -8.61 23.89
CA ILE B 64 22.32 -7.44 23.13
C ILE B 64 23.38 -6.36 23.35
N THR B 65 24.04 -5.96 22.27
CA THR B 65 25.07 -4.93 22.35
C THR B 65 24.59 -3.69 21.63
N SER B 66 25.43 -2.66 21.64
CA SER B 66 25.08 -1.45 20.93
C SER B 66 24.93 -1.72 19.43
N ARG B 67 25.59 -2.76 18.92
CA ARG B 67 25.41 -3.12 17.50
C ARG B 67 23.97 -3.50 17.20
N GLU B 68 23.33 -4.30 18.07
CA GLU B 68 21.93 -4.66 17.81
C GLU B 68 21.00 -3.48 18.04
N ILE B 69 21.30 -2.61 19.01
CA ILE B 69 20.46 -1.43 19.21
C ILE B 69 20.49 -0.55 17.98
N GLN B 70 21.70 -0.28 17.47
CA GLN B 70 21.84 0.56 16.29
C GLN B 70 21.09 -0.02 15.08
N THR B 71 21.22 -1.33 14.85
CA THR B 71 20.55 -1.92 13.70
C THR B 71 19.03 -1.82 13.84
N ALA B 72 18.52 -2.11 15.03
CA ALA B 72 17.09 -1.96 15.31
C ALA B 72 16.63 -0.54 15.03
N VAL B 73 17.41 0.44 15.49
CA VAL B 73 17.06 1.83 15.30
C VAL B 73 16.98 2.18 13.82
N ARG B 74 18.00 1.77 13.03
CA ARG B 74 18.01 2.06 11.60
C ARG B 74 16.83 1.42 10.88
N LEU B 75 16.36 0.27 11.36
CA LEU B 75 15.28 -0.43 10.65
C LEU B 75 13.89 -0.01 11.08
N LEU B 76 13.75 0.49 12.31
CA LEU B 76 12.45 0.87 12.90
C LEU B 76 12.08 2.33 12.68
N LEU B 77 13.05 3.21 12.54
CA LEU B 77 12.64 4.60 12.43
C LEU B 77 12.69 5.04 10.97
N PRO B 78 11.78 5.93 10.56
CA PRO B 78 11.82 6.44 9.20
C PRO B 78 12.91 7.49 8.99
N GLY B 79 13.44 7.51 7.76
CA GLY B 79 14.20 8.62 7.21
C GLY B 79 15.17 9.37 8.09
N GLU B 80 14.90 10.67 8.27
CA GLU B 80 15.79 11.55 9.02
C GLU B 80 15.85 11.19 10.49
N LEU B 81 14.73 10.78 11.08
CA LEU B 81 14.73 10.37 12.48
C LEU B 81 15.75 9.27 12.73
N ALA B 82 15.84 8.31 11.82
CA ALA B 82 16.82 7.22 11.97
C ALA B 82 18.24 7.75 11.93
N LYS B 83 18.52 8.65 10.98
CA LYS B 83 19.88 9.19 10.84
C LYS B 83 20.29 9.97 12.09
N HIS B 84 19.40 10.80 12.61
CA HIS B 84 19.75 11.61 13.78
C HIS B 84 19.81 10.75 15.04
N ALA B 85 18.91 9.77 15.17
CA ALA B 85 18.95 8.88 16.31
C ALA B 85 20.26 8.08 16.32
N VAL B 86 20.72 7.63 15.15
CA VAL B 86 22.01 6.94 15.07
C VAL B 86 23.14 7.89 15.48
N SER B 87 23.13 9.12 14.95
CA SER B 87 24.17 10.08 15.34
C SER B 87 24.18 10.28 16.85
N GLU B 88 23.00 10.38 17.47
CA GLU B 88 22.94 10.66 18.90
C GLU B 88 23.36 9.45 19.72
N GLY B 89 22.97 8.26 19.28
CA GLY B 89 23.36 7.07 20.03
C GLY B 89 24.85 6.81 19.95
N THR B 90 25.44 7.03 18.78
CA THR B 90 26.87 6.79 18.63
C THR B 90 27.68 7.83 19.39
N LYS B 91 27.22 9.09 19.40
CA LYS B 91 27.89 10.12 20.19
C LYS B 91 27.90 9.76 21.67
N ALA B 92 26.76 9.28 22.20
CA ALA B 92 26.68 8.92 23.61
C ALA B 92 27.63 7.78 23.95
N VAL B 93 27.65 6.73 23.13
CA VAL B 93 28.55 5.61 23.35
C VAL B 93 30.01 6.05 23.29
N THR B 94 30.34 6.96 22.37
CA THR B 94 31.72 7.43 22.29
C THR B 94 32.10 8.25 23.52
N LYS B 95 31.18 9.11 23.99
CA LYS B 95 31.45 9.83 25.24
C LYS B 95 31.58 8.86 26.40
N TYR B 96 30.64 7.91 26.48
CA TYR B 96 30.60 6.95 27.57
C TYR B 96 31.90 6.17 27.69
N THR B 97 32.42 5.71 26.57
CA THR B 97 33.62 4.88 26.60
C THR B 97 34.89 5.71 26.75
N SER B 98 34.81 7.01 26.49
CA SER B 98 35.91 7.91 26.82
C SER B 98 35.94 8.19 28.32
N ALA B 99 34.86 8.78 28.85
CA ALA B 99 34.67 8.98 30.29
C ALA B 99 35.83 9.71 30.96
N THR C 4 19.31 10.70 0.86
CA THR C 4 18.57 11.91 1.23
C THR C 4 17.42 12.15 0.26
N ARG C 5 17.49 11.54 -0.92
CA ARG C 5 16.39 11.69 -1.88
C ARG C 5 15.15 10.96 -1.42
N SER C 6 15.31 9.76 -0.87
CA SER C 6 14.15 9.02 -0.38
C SER C 6 13.55 9.72 0.84
N SER C 7 14.40 10.17 1.77
CA SER C 7 13.87 10.92 2.90
C SER C 7 13.29 12.26 2.47
N ARG C 8 13.83 12.85 1.40
CA ARG C 8 13.23 14.06 0.85
C ARG C 8 11.79 13.83 0.41
N ALA C 9 11.50 12.62 -0.05
CA ALA C 9 10.16 12.20 -0.45
C ALA C 9 9.38 11.52 0.66
N GLY C 10 9.96 11.37 1.86
CA GLY C 10 9.29 10.71 2.95
C GLY C 10 9.15 9.21 2.79
N LEU C 11 10.05 8.56 2.06
CA LEU C 11 9.88 7.17 1.67
C LEU C 11 10.94 6.28 2.31
N GLN C 12 10.60 5.00 2.47
CA GLN C 12 11.62 4.02 2.81
C GLN C 12 12.23 3.37 1.57
N PHE C 13 11.48 3.30 0.47
CA PHE C 13 11.99 2.74 -0.77
C PHE C 13 13.02 3.68 -1.41
N PRO C 14 14.06 3.12 -2.07
CA PRO C 14 15.17 3.94 -2.56
C PRO C 14 14.82 4.67 -3.84
N VAL C 15 14.63 5.99 -3.74
CA VAL C 15 14.30 6.81 -4.90
C VAL C 15 15.43 6.78 -5.92
N GLY C 16 16.67 6.82 -5.46
CA GLY C 16 17.80 6.91 -6.37
C GLY C 16 17.95 5.63 -7.19
N ARG C 17 17.68 4.49 -6.58
CA ARG C 17 17.78 3.23 -7.31
C ARG C 17 16.63 3.08 -8.30
N VAL C 18 15.43 3.53 -7.92
CA VAL C 18 14.30 3.49 -8.85
C VAL C 18 14.59 4.37 -10.05
N HIS C 19 15.21 5.52 -9.81
CA HIS C 19 15.61 6.40 -10.91
C HIS C 19 16.58 5.68 -11.84
N ARG C 20 17.62 5.07 -11.29
CA ARG C 20 18.61 4.41 -12.12
C ARG C 20 17.98 3.27 -12.92
N LEU C 21 17.14 2.46 -12.27
CA LEU C 21 16.44 1.38 -12.98
C LEU C 21 15.54 1.91 -14.09
N LEU C 22 14.81 3.01 -13.83
CA LEU C 22 14.04 3.63 -14.90
C LEU C 22 14.92 4.09 -16.04
N ARG C 23 16.07 4.69 -15.74
CA ARG C 23 16.99 5.13 -16.79
C ARG C 23 17.59 3.93 -17.53
N LYS C 24 17.94 2.89 -16.79
CA LYS C 24 18.63 1.74 -17.36
C LYS C 24 17.68 0.80 -18.11
N GLY C 25 16.39 0.85 -17.79
CA GLY C 25 15.38 0.01 -18.40
C GLY C 25 14.94 0.39 -19.80
N ASN C 26 15.49 1.47 -20.36
CA ASN C 26 15.16 1.90 -21.72
C ASN C 26 13.66 2.16 -21.89
N TYR C 27 13.07 2.85 -20.92
CA TYR C 27 11.64 3.10 -21.03
C TYR C 27 11.34 4.32 -21.87
N SER C 28 12.25 5.30 -21.90
CA SER C 28 12.04 6.53 -22.65
C SER C 28 13.39 7.22 -22.80
N GLU C 29 13.41 8.22 -23.69
CA GLU C 29 14.62 9.04 -23.81
C GLU C 29 14.99 9.67 -22.48
N ARG C 30 14.02 10.24 -21.78
CA ARG C 30 14.28 11.03 -20.59
C ARG C 30 13.34 10.60 -19.48
N VAL C 31 13.76 10.84 -18.25
CA VAL C 31 12.95 10.54 -17.07
C VAL C 31 12.92 11.78 -16.20
N GLY C 32 11.72 12.26 -15.87
CA GLY C 32 11.59 13.42 -15.01
C GLY C 32 11.90 13.09 -13.55
N ALA C 33 12.24 14.13 -12.80
CA ALA C 33 12.64 13.95 -11.40
C ALA C 33 11.49 13.38 -10.56
N GLY C 34 10.26 13.82 -10.83
CA GLY C 34 9.13 13.33 -10.07
C GLY C 34 8.80 11.86 -10.30
N ALA C 35 9.19 11.31 -11.45
CA ALA C 35 8.73 9.96 -11.81
C ALA C 35 9.27 8.88 -10.89
N PRO C 36 10.57 8.83 -10.54
CA PRO C 36 11.02 7.84 -9.56
C PRO C 36 10.43 8.06 -8.18
N VAL C 37 10.15 9.30 -7.79
CA VAL C 37 9.53 9.55 -6.49
C VAL C 37 8.15 8.92 -6.45
N TYR C 38 7.33 9.21 -7.45
CA TYR C 38 5.98 8.67 -7.52
C TYR C 38 6.00 7.15 -7.54
N LEU C 39 6.81 6.56 -8.42
CA LEU C 39 6.86 5.10 -8.53
C LEU C 39 7.36 4.45 -7.24
N ALA C 40 8.44 4.98 -6.65
CA ALA C 40 8.91 4.44 -5.37
C ALA C 40 7.81 4.47 -4.32
N ALA C 41 7.02 5.55 -4.29
CA ALA C 41 5.95 5.67 -3.30
C ALA C 41 4.84 4.66 -3.53
N VAL C 42 4.50 4.41 -4.80
CA VAL C 42 3.50 3.41 -5.14
C VAL C 42 4.01 2.01 -4.79
N LEU C 43 5.28 1.74 -5.07
CA LEU C 43 5.82 0.44 -4.72
C LEU C 43 5.81 0.25 -3.21
N GLU C 44 6.13 1.29 -2.46
CA GLU C 44 6.12 1.17 -1.00
C GLU C 44 4.70 0.98 -0.48
N TYR C 45 3.75 1.75 -1.00
CA TYR C 45 2.36 1.57 -0.59
C TYR C 45 1.89 0.13 -0.82
N LEU C 46 2.09 -0.39 -2.03
CA LEU C 46 1.63 -1.75 -2.31
C LEU C 46 2.31 -2.78 -1.42
N THR C 47 3.64 -2.67 -1.19
CA THR C 47 4.20 -3.72 -0.33
C THR C 47 3.73 -3.55 1.11
N ALA C 48 3.39 -2.32 1.52
CA ALA C 48 2.80 -2.13 2.84
C ALA C 48 1.44 -2.81 2.93
N GLU C 49 0.62 -2.70 1.90
CA GLU C 49 -0.70 -3.33 1.94
C GLU C 49 -0.56 -4.86 1.95
N ILE C 50 0.35 -5.40 1.16
CA ILE C 50 0.62 -6.83 1.17
C ILE C 50 1.12 -7.26 2.56
N LEU C 51 2.13 -6.56 3.08
CA LEU C 51 2.70 -6.93 4.39
C LEU C 51 1.68 -6.79 5.51
N GLU C 52 0.85 -5.73 5.47
CA GLU C 52 -0.19 -5.59 6.50
C GLU C 52 -1.07 -6.83 6.55
N LEU C 53 -1.64 -7.21 5.41
CA LEU C 53 -2.53 -8.37 5.38
C LEU C 53 -1.79 -9.66 5.67
N ALA C 54 -0.53 -9.79 5.22
CA ALA C 54 0.14 -11.05 5.46
C ALA C 54 0.52 -11.20 6.93
N GLY C 55 0.94 -10.10 7.58
CA GLY C 55 1.23 -10.15 9.00
C GLY C 55 0.00 -10.41 9.85
N ASN C 56 -1.18 -9.95 9.40
CA ASN C 56 -2.42 -10.32 10.06
C ASN C 56 -2.68 -11.81 9.92
N ALA C 57 -2.47 -12.36 8.72
CA ALA C 57 -2.64 -13.80 8.54
C ALA C 57 -1.62 -14.59 9.35
N ALA C 58 -0.37 -14.10 9.43
CA ALA C 58 0.63 -14.74 10.27
C ALA C 58 0.14 -14.82 11.73
N ARG C 59 -0.34 -13.70 12.27
CA ARG C 59 -0.72 -13.68 13.69
C ARG C 59 -1.94 -14.56 13.94
N ASP C 60 -2.94 -14.47 13.05
CA ASP C 60 -4.08 -15.38 13.15
C ASP C 60 -3.65 -16.83 13.10
N ASN C 61 -2.56 -17.12 12.37
CA ASN C 61 -1.97 -18.45 12.32
C ASN C 61 -1.05 -18.73 13.52
N LYS C 62 -1.02 -17.83 14.51
CA LYS C 62 -0.21 -17.99 15.72
C LYS C 62 1.29 -18.04 15.42
N LYS C 63 1.72 -17.40 14.33
CA LYS C 63 3.13 -17.31 13.99
C LYS C 63 3.63 -15.90 14.24
N THR C 64 4.92 -15.77 14.51
CA THR C 64 5.53 -14.46 14.69
C THR C 64 6.31 -14.02 13.46
N ARG C 65 6.13 -14.69 12.33
CA ARG C 65 6.80 -14.30 11.09
C ARG C 65 5.91 -14.66 9.91
N ILE C 66 6.03 -13.86 8.86
CA ILE C 66 5.33 -14.11 7.61
C ILE C 66 6.05 -15.22 6.85
N ILE C 67 5.29 -16.23 6.41
CA ILE C 67 5.86 -17.29 5.58
C ILE C 67 5.09 -17.28 4.26
N PRO C 68 5.54 -18.00 3.23
CA PRO C 68 4.85 -17.93 1.93
C PRO C 68 3.37 -18.30 1.98
N ARG C 69 2.99 -19.26 2.83
CA ARG C 69 1.57 -19.59 2.98
C ARG C 69 0.76 -18.37 3.42
N HIS C 70 1.34 -17.50 4.26
CA HIS C 70 0.62 -16.31 4.69
C HIS C 70 0.44 -15.30 3.55
N LEU C 71 1.46 -15.16 2.70
CA LEU C 71 1.32 -14.27 1.54
C LEU C 71 0.25 -14.77 0.59
N GLN C 72 0.28 -16.07 0.26
CA GLN C 72 -0.74 -16.63 -0.63
C GLN C 72 -2.13 -16.42 -0.06
N LEU C 73 -2.29 -16.65 1.26
CA LEU C 73 -3.57 -16.46 1.91
C LEU C 73 -4.05 -15.02 1.77
N ALA C 74 -3.18 -14.07 2.09
CA ALA C 74 -3.59 -12.67 2.13
C ALA C 74 -4.00 -12.18 0.75
N ILE C 75 -3.28 -12.62 -0.28
CA ILE C 75 -3.59 -12.18 -1.64
C ILE C 75 -4.88 -12.81 -2.14
N ARG C 76 -5.05 -14.11 -1.96
CA ARG C 76 -6.27 -14.78 -2.41
C ARG C 76 -7.49 -14.26 -1.66
N ASN C 77 -7.35 -13.96 -0.36
CA ASN C 77 -8.49 -13.52 0.43
C ASN C 77 -8.80 -12.03 0.27
N ASP C 78 -8.00 -11.28 -0.48
CA ASP C 78 -8.26 -9.87 -0.73
C ASP C 78 -8.62 -9.69 -2.20
N GLU C 79 -9.86 -9.26 -2.48
CA GLU C 79 -10.33 -9.26 -3.86
C GLU C 79 -9.42 -8.45 -4.77
N GLU C 80 -8.90 -7.31 -4.28
CA GLU C 80 -8.13 -6.44 -5.16
C GLU C 80 -6.70 -6.92 -5.37
N LEU C 81 -6.01 -7.34 -4.30
CA LEU C 81 -4.69 -7.91 -4.47
C LEU C 81 -4.74 -9.20 -5.29
N ASN C 82 -5.81 -9.98 -5.11
CA ASN C 82 -6.01 -11.18 -5.92
C ASN C 82 -6.05 -10.84 -7.41
N LYS C 83 -6.81 -9.81 -7.77
CA LYS C 83 -6.83 -9.36 -9.17
C LYS C 83 -5.46 -8.89 -9.63
N LEU C 84 -4.76 -8.13 -8.76
CA LEU C 84 -3.48 -7.56 -9.15
C LEU C 84 -2.41 -8.63 -9.34
N LEU C 85 -2.33 -9.58 -8.41
CA LEU C 85 -1.18 -10.47 -8.31
C LEU C 85 -1.48 -11.95 -8.41
N GLY C 86 -2.74 -12.36 -8.42
CA GLY C 86 -3.11 -13.75 -8.18
C GLY C 86 -2.80 -14.77 -9.26
N ARG C 87 -2.08 -14.40 -10.31
CA ARG C 87 -1.79 -15.34 -11.40
C ARG C 87 -0.31 -15.38 -11.79
N LYS D 9 18.04 -10.63 -10.79
CA LYS D 9 16.87 -9.82 -10.49
C LYS D 9 17.14 -8.84 -9.36
N GLU D 10 16.45 -7.71 -9.39
CA GLU D 10 16.67 -6.65 -8.41
C GLU D 10 16.19 -7.07 -7.03
N SER D 11 16.98 -6.78 -6.00
CA SER D 11 16.58 -7.09 -4.62
C SER D 11 16.19 -5.82 -3.86
N TYR D 12 15.05 -5.87 -3.19
CA TYR D 12 14.58 -4.78 -2.35
C TYR D 12 14.47 -5.20 -0.88
N SER D 13 15.15 -6.29 -0.50
CA SER D 13 14.84 -6.98 0.74
C SER D 13 14.88 -6.06 1.95
N ILE D 14 15.93 -5.25 2.09
CA ILE D 14 16.02 -4.41 3.29
C ILE D 14 14.90 -3.37 3.32
N TYR D 15 14.48 -2.86 2.16
CA TYR D 15 13.39 -1.89 2.15
C TYR D 15 12.05 -2.55 2.44
N VAL D 16 11.84 -3.75 1.91
CA VAL D 16 10.66 -4.53 2.27
C VAL D 16 10.62 -4.76 3.78
N TYR D 17 11.77 -5.08 4.37
CA TYR D 17 11.80 -5.30 5.82
C TYR D 17 11.46 -4.02 6.58
N LYS D 18 11.99 -2.89 6.11
CA LYS D 18 11.67 -1.63 6.78
C LYS D 18 10.18 -1.31 6.70
N VAL D 19 9.54 -1.67 5.60
CA VAL D 19 8.10 -1.46 5.52
C VAL D 19 7.36 -2.40 6.49
N LEU D 20 7.81 -3.65 6.57
CA LEU D 20 7.22 -4.57 7.55
C LEU D 20 7.35 -4.02 8.97
N LYS D 21 8.48 -3.38 9.28
CA LYS D 21 8.65 -2.83 10.63
C LYS D 21 7.69 -1.69 10.89
N GLN D 22 7.32 -0.96 9.83
CA GLN D 22 6.35 0.12 9.97
C GLN D 22 4.94 -0.43 10.25
N VAL D 23 4.51 -1.45 9.50
CA VAL D 23 3.14 -1.94 9.65
C VAL D 23 3.01 -3.02 10.73
N HIS D 24 4.02 -3.85 10.93
CA HIS D 24 3.99 -4.87 11.99
C HIS D 24 5.35 -4.94 12.65
N PRO D 25 5.62 -4.04 13.62
CA PRO D 25 6.97 -3.94 14.20
C PRO D 25 7.50 -5.23 14.81
N ASP D 26 6.65 -6.03 15.46
CA ASP D 26 7.10 -7.23 16.15
C ASP D 26 7.19 -8.45 15.24
N THR D 27 6.96 -8.32 13.94
CA THR D 27 6.82 -9.48 13.06
C THR D 27 8.06 -9.65 12.18
N GLY D 28 8.51 -10.90 12.04
CA GLY D 28 9.59 -11.24 11.13
C GLY D 28 9.07 -11.77 9.79
N ILE D 29 10.00 -12.19 8.94
CA ILE D 29 9.62 -12.71 7.62
C ILE D 29 10.61 -13.78 7.21
N SER D 30 10.11 -14.88 6.66
CA SER D 30 11.01 -15.94 6.24
C SER D 30 11.74 -15.57 4.95
N SER D 31 12.87 -16.26 4.71
CA SER D 31 13.67 -15.98 3.52
C SER D 31 12.88 -16.22 2.25
N LYS D 32 12.14 -17.33 2.17
CA LYS D 32 11.33 -17.59 0.97
C LYS D 32 10.23 -16.54 0.80
N ALA D 33 9.59 -16.13 1.91
CA ALA D 33 8.59 -15.08 1.79
C ALA D 33 9.20 -13.78 1.29
N MET D 34 10.43 -13.48 1.71
CA MET D 34 11.08 -12.26 1.19
C MET D 34 11.35 -12.39 -0.30
N GLY D 35 11.76 -13.57 -0.75
CA GLY D 35 11.93 -13.79 -2.18
C GLY D 35 10.66 -13.53 -2.96
N ILE D 36 9.52 -14.02 -2.46
CA ILE D 36 8.24 -13.73 -3.09
C ILE D 36 7.94 -12.23 -3.09
N MET D 37 8.22 -11.53 -1.98
CA MET D 37 7.98 -10.09 -1.96
C MET D 37 8.83 -9.36 -2.99
N ASN D 38 10.09 -9.78 -3.16
CA ASN D 38 10.93 -9.14 -4.18
C ASN D 38 10.38 -9.39 -5.57
N SER D 39 9.88 -10.60 -5.83
CA SER D 39 9.24 -10.89 -7.10
C SER D 39 8.06 -9.95 -7.36
N PHE D 40 7.19 -9.76 -6.34
CA PHE D 40 6.07 -8.84 -6.48
C PHE D 40 6.54 -7.43 -6.83
N VAL D 41 7.57 -6.95 -6.11
CA VAL D 41 8.05 -5.58 -6.32
C VAL D 41 8.56 -5.42 -7.75
N ASN D 42 9.41 -6.36 -8.20
CA ASN D 42 9.92 -6.32 -9.57
C ASN D 42 8.80 -6.39 -10.61
N ASP D 43 7.83 -7.30 -10.40
CA ASP D 43 6.71 -7.41 -11.34
C ASP D 43 5.97 -6.09 -11.47
N ILE D 44 5.58 -5.51 -10.33
CA ILE D 44 4.80 -4.26 -10.37
C ILE D 44 5.61 -3.10 -10.93
N PHE D 45 6.91 -3.03 -10.58
CA PHE D 45 7.77 -2.01 -11.18
C PHE D 45 7.71 -2.10 -12.70
N GLU D 46 7.91 -3.30 -13.26
CA GLU D 46 7.98 -3.42 -14.70
C GLU D 46 6.63 -3.16 -15.34
N ARG D 47 5.55 -3.56 -14.68
CA ARG D 47 4.21 -3.30 -15.19
C ARG D 47 3.97 -1.81 -15.34
N ILE D 48 4.28 -1.03 -14.29
CA ILE D 48 3.98 0.40 -14.30
C ILE D 48 4.89 1.13 -15.25
N ALA D 49 6.20 0.84 -15.17
CA ALA D 49 7.15 1.47 -16.08
C ALA D 49 6.85 1.13 -17.53
N GLY D 50 6.54 -0.14 -17.79
CA GLY D 50 6.18 -0.51 -19.15
C GLY D 50 4.98 0.27 -19.67
N GLU D 51 3.96 0.42 -18.81
CA GLU D 51 2.76 1.14 -19.26
C GLU D 51 3.04 2.63 -19.41
N ALA D 52 3.79 3.22 -18.47
CA ALA D 52 4.15 4.63 -18.60
C ALA D 52 4.96 4.88 -19.86
N SER D 53 5.85 3.94 -20.20
CA SER D 53 6.62 4.04 -21.44
C SER D 53 5.71 4.06 -22.66
N ARG D 54 4.69 3.22 -22.68
CA ARG D 54 3.79 3.17 -23.84
C ARG D 54 2.92 4.42 -23.90
N LEU D 55 2.48 4.92 -22.75
CA LEU D 55 1.65 6.13 -22.74
C LEU D 55 2.44 7.33 -23.25
N ALA D 56 3.71 7.46 -22.83
CA ALA D 56 4.57 8.49 -23.39
C ALA D 56 4.72 8.33 -24.89
N HIS D 57 4.83 7.08 -25.35
CA HIS D 57 4.96 6.83 -26.78
C HIS D 57 3.68 7.22 -27.52
N TYR D 58 2.53 6.76 -27.03
CA TYR D 58 1.26 7.12 -27.66
C TYR D 58 1.08 8.63 -27.77
N ASN D 59 1.50 9.37 -26.74
CA ASN D 59 1.36 10.82 -26.73
C ASN D 59 2.59 11.53 -27.28
N LYS D 60 3.51 10.81 -27.91
CA LYS D 60 4.65 11.41 -28.59
C LYS D 60 5.50 12.25 -27.64
N ARG D 61 5.67 11.77 -26.42
CA ARG D 61 6.50 12.43 -25.42
C ARG D 61 7.80 11.66 -25.24
N SER D 62 8.91 12.38 -25.11
CA SER D 62 10.19 11.73 -24.89
C SER D 62 10.53 11.56 -23.41
N THR D 63 9.71 12.08 -22.50
CA THR D 63 10.00 12.05 -21.07
C THR D 63 8.87 11.36 -20.33
N ILE D 64 9.23 10.39 -19.49
CA ILE D 64 8.29 9.83 -18.54
C ILE D 64 8.34 10.70 -17.29
N THR D 65 7.21 11.31 -16.93
CA THR D 65 7.07 12.12 -15.73
C THR D 65 6.11 11.44 -14.76
N SER D 66 5.88 12.11 -13.62
CA SER D 66 4.96 11.55 -12.64
C SER D 66 3.52 11.53 -13.16
N ARG D 67 3.20 12.33 -14.19
CA ARG D 67 1.89 12.24 -14.83
C ARG D 67 1.70 10.90 -15.55
N GLU D 68 2.71 10.47 -16.32
CA GLU D 68 2.60 9.15 -16.95
C GLU D 68 2.59 8.02 -15.93
N ILE D 69 3.39 8.13 -14.86
CA ILE D 69 3.34 7.10 -13.82
C ILE D 69 1.96 7.03 -13.22
N GLN D 70 1.40 8.20 -12.89
CA GLN D 70 0.08 8.25 -12.30
C GLN D 70 -0.97 7.63 -13.23
N THR D 71 -0.98 8.03 -14.50
CA THR D 71 -1.96 7.46 -15.42
C THR D 71 -1.79 5.95 -15.53
N ALA D 72 -0.54 5.47 -15.59
CA ALA D 72 -0.31 4.03 -15.65
C ALA D 72 -0.89 3.32 -14.44
N VAL D 73 -0.66 3.88 -13.25
CA VAL D 73 -1.14 3.28 -12.01
C VAL D 73 -2.66 3.18 -12.03
N ARG D 74 -3.33 4.24 -12.48
CA ARG D 74 -4.79 4.24 -12.57
C ARG D 74 -5.30 3.20 -13.55
N LEU D 75 -4.53 2.89 -14.59
CA LEU D 75 -5.00 1.90 -15.55
C LEU D 75 -4.66 0.48 -15.14
N LEU D 76 -3.62 0.29 -14.32
CA LEU D 76 -3.13 -1.04 -13.99
C LEU D 76 -3.70 -1.61 -12.70
N LEU D 77 -4.09 -0.77 -11.77
CA LEU D 77 -4.45 -1.27 -10.45
C LEU D 77 -5.97 -1.29 -10.28
N PRO D 78 -6.50 -2.24 -9.52
CA PRO D 78 -7.94 -2.21 -9.25
C PRO D 78 -8.28 -1.02 -8.37
N GLY D 79 -9.57 -0.67 -8.39
CA GLY D 79 -10.10 0.58 -7.89
C GLY D 79 -9.53 1.15 -6.61
N GLU D 80 -9.68 0.48 -5.46
CA GLU D 80 -9.27 1.09 -4.20
C GLU D 80 -7.75 1.15 -4.07
N LEU D 81 -7.04 0.13 -4.54
CA LEU D 81 -5.58 0.21 -4.54
C LEU D 81 -5.11 1.40 -5.35
N ALA D 82 -5.72 1.63 -6.52
CA ALA D 82 -5.32 2.74 -7.38
C ALA D 82 -5.48 4.09 -6.69
N LYS D 83 -6.63 4.30 -6.04
CA LYS D 83 -6.89 5.60 -5.43
C LYS D 83 -5.92 5.87 -4.28
N HIS D 84 -5.61 4.87 -3.48
CA HIS D 84 -4.62 5.04 -2.42
C HIS D 84 -3.20 5.13 -2.98
N ALA D 85 -2.87 4.33 -3.99
CA ALA D 85 -1.55 4.45 -4.60
C ALA D 85 -1.34 5.84 -5.18
N VAL D 86 -2.37 6.39 -5.82
CA VAL D 86 -2.25 7.73 -6.41
C VAL D 86 -2.09 8.79 -5.32
N SER D 87 -2.83 8.65 -4.22
CA SER D 87 -2.69 9.59 -3.10
C SER D 87 -1.28 9.56 -2.51
N GLU D 88 -0.73 8.36 -2.29
CA GLU D 88 0.64 8.24 -1.81
C GLU D 88 1.64 8.81 -2.81
N GLY D 89 1.50 8.48 -4.10
CA GLY D 89 2.45 9.01 -5.07
C GLY D 89 2.43 10.52 -5.09
N THR D 90 1.24 11.09 -4.97
CA THR D 90 1.08 12.54 -5.05
C THR D 90 1.66 13.20 -3.81
N LYS D 91 1.44 12.62 -2.63
CA LYS D 91 2.03 13.16 -1.41
C LYS D 91 3.55 13.14 -1.50
N ALA D 92 4.13 12.04 -1.97
CA ALA D 92 5.58 11.93 -2.04
C ALA D 92 6.17 13.01 -2.95
N VAL D 93 5.57 13.23 -4.12
CA VAL D 93 6.12 14.25 -5.03
C VAL D 93 5.96 15.64 -4.43
N THR D 94 4.83 15.89 -3.78
CA THR D 94 4.63 17.18 -3.12
C THR D 94 5.70 17.42 -2.05
N LYS D 95 5.97 16.41 -1.22
CA LYS D 95 7.00 16.56 -0.19
C LYS D 95 8.38 16.71 -0.82
N TYR D 96 8.66 15.92 -1.85
CA TYR D 96 9.97 15.96 -2.49
C TYR D 96 10.22 17.32 -3.13
N THR D 97 9.17 17.94 -3.67
CA THR D 97 9.28 19.25 -4.32
C THR D 97 9.13 20.39 -3.31
N SER D 98 7.97 20.46 -2.66
CA SER D 98 7.70 21.60 -1.78
C SER D 98 8.59 21.59 -0.55
N ALA D 99 8.80 20.42 0.04
CA ALA D 99 9.74 20.29 1.15
C ALA D 99 11.10 19.83 0.63
N SER E 6 -20.87 1.06 -8.25
CA SER E 6 -19.83 0.42 -9.06
C SER E 6 -18.63 0.08 -8.18
N SER E 7 -18.17 1.08 -7.41
CA SER E 7 -17.19 0.82 -6.36
C SER E 7 -17.73 -0.19 -5.35
N ARG E 8 -19.04 -0.12 -5.07
CA ARG E 8 -19.67 -1.06 -4.14
C ARG E 8 -19.70 -2.48 -4.67
N ALA E 9 -19.61 -2.66 -6.00
CA ALA E 9 -19.74 -3.98 -6.62
C ALA E 9 -18.41 -4.66 -6.91
N GLY E 10 -17.30 -3.93 -6.80
CA GLY E 10 -16.00 -4.49 -7.13
C GLY E 10 -15.73 -4.63 -8.61
N LEU E 11 -16.29 -3.75 -9.43
CA LEU E 11 -16.28 -3.93 -10.88
C LEU E 11 -15.55 -2.78 -11.57
N GLN E 12 -14.97 -3.09 -12.73
CA GLN E 12 -14.43 -2.05 -13.61
C GLN E 12 -15.53 -1.41 -14.46
N PHE E 13 -16.52 -2.21 -14.88
CA PHE E 13 -17.57 -1.71 -15.76
C PHE E 13 -18.53 -0.78 -15.00
N PRO E 14 -19.09 0.23 -15.69
CA PRO E 14 -19.83 1.32 -15.02
C PRO E 14 -21.26 0.92 -14.69
N VAL E 15 -21.51 0.65 -13.40
CA VAL E 15 -22.83 0.18 -13.00
C VAL E 15 -23.89 1.25 -13.23
N GLY E 16 -23.53 2.51 -12.94
CA GLY E 16 -24.51 3.59 -13.07
C GLY E 16 -24.89 3.86 -14.51
N ARG E 17 -23.94 3.72 -15.43
CA ARG E 17 -24.27 3.80 -16.84
C ARG E 17 -25.18 2.66 -17.27
N VAL E 18 -24.86 1.44 -16.82
CA VAL E 18 -25.71 0.28 -17.11
C VAL E 18 -27.10 0.47 -16.52
N HIS E 19 -27.17 0.97 -15.28
CA HIS E 19 -28.46 1.32 -14.70
C HIS E 19 -29.21 2.30 -15.58
N ARG E 20 -28.55 3.40 -15.95
CA ARG E 20 -29.19 4.41 -16.79
C ARG E 20 -29.68 3.81 -18.10
N LEU E 21 -28.84 2.99 -18.75
CA LEU E 21 -29.23 2.40 -20.03
C LEU E 21 -30.43 1.47 -19.88
N LEU E 22 -30.45 0.68 -18.81
CA LEU E 22 -31.62 -0.16 -18.56
C LEU E 22 -32.86 0.71 -18.33
N ARG E 23 -32.73 1.80 -17.58
CA ARG E 23 -33.86 2.71 -17.38
C ARG E 23 -34.26 3.38 -18.69
N LYS E 24 -33.29 3.86 -19.46
CA LYS E 24 -33.58 4.66 -20.65
C LYS E 24 -34.08 3.83 -21.81
N GLY E 25 -33.77 2.53 -21.84
CA GLY E 25 -34.28 1.65 -22.88
C GLY E 25 -35.71 1.20 -22.72
N ASN E 26 -36.36 1.60 -21.62
CA ASN E 26 -37.73 1.20 -21.30
C ASN E 26 -37.94 -0.30 -21.47
N TYR E 27 -36.99 -1.08 -20.95
CA TYR E 27 -37.18 -2.51 -20.87
C TYR E 27 -38.27 -2.88 -19.89
N SER E 28 -38.60 -2.00 -18.96
CA SER E 28 -39.65 -2.23 -17.98
C SER E 28 -40.04 -0.91 -17.36
N GLU E 29 -41.02 -0.95 -16.46
CA GLU E 29 -41.36 0.24 -15.69
C GLU E 29 -40.23 0.59 -14.74
N ARG E 30 -39.78 -0.39 -13.95
CA ARG E 30 -38.74 -0.17 -12.95
C ARG E 30 -37.55 -1.07 -13.25
N VAL E 31 -36.40 -0.65 -12.72
CA VAL E 31 -35.16 -1.43 -12.74
C VAL E 31 -34.69 -1.54 -11.29
N GLY E 32 -34.64 -2.76 -10.77
CA GLY E 32 -34.10 -2.95 -9.44
C GLY E 32 -32.62 -2.66 -9.38
N ALA E 33 -32.13 -2.36 -8.16
CA ALA E 33 -30.74 -1.92 -8.02
C ALA E 33 -29.75 -3.03 -8.38
N GLY E 34 -30.09 -4.28 -8.12
CA GLY E 34 -29.14 -5.35 -8.37
C GLY E 34 -28.99 -5.71 -9.83
N ALA E 35 -30.00 -5.42 -10.67
CA ALA E 35 -29.95 -5.82 -12.07
C ALA E 35 -28.77 -5.20 -12.81
N PRO E 36 -28.51 -3.89 -12.73
CA PRO E 36 -27.33 -3.37 -13.43
C PRO E 36 -26.01 -3.81 -12.83
N VAL E 37 -25.98 -4.08 -11.53
CA VAL E 37 -24.76 -4.67 -10.94
C VAL E 37 -24.47 -6.01 -11.58
N TYR E 38 -25.50 -6.87 -11.69
CA TYR E 38 -25.32 -8.20 -12.25
C TYR E 38 -24.94 -8.14 -13.72
N LEU E 39 -25.61 -7.27 -14.47
CA LEU E 39 -25.31 -7.15 -15.89
C LEU E 39 -23.91 -6.61 -16.12
N ALA E 40 -23.49 -5.61 -15.34
CA ALA E 40 -22.14 -5.08 -15.48
C ALA E 40 -21.09 -6.16 -15.21
N ALA E 41 -21.32 -7.00 -14.20
CA ALA E 41 -20.39 -8.07 -13.89
C ALA E 41 -20.27 -9.05 -15.04
N VAL E 42 -21.42 -9.41 -15.64
CA VAL E 42 -21.42 -10.35 -16.75
C VAL E 42 -20.67 -9.77 -17.95
N LEU E 43 -20.90 -8.49 -18.25
CA LEU E 43 -20.23 -7.85 -19.38
C LEU E 43 -18.71 -7.80 -19.15
N GLU E 44 -18.30 -7.54 -17.91
CA GLU E 44 -16.86 -7.48 -17.63
C GLU E 44 -16.24 -8.86 -17.68
N TYR E 45 -16.96 -9.87 -17.19
CA TYR E 45 -16.44 -11.23 -17.27
C TYR E 45 -16.23 -11.66 -18.71
N LEU E 46 -17.22 -11.43 -19.57
CA LEU E 46 -17.11 -11.82 -20.97
C LEU E 46 -16.02 -11.03 -21.67
N THR E 47 -15.90 -9.74 -21.37
CA THR E 47 -14.78 -8.94 -21.87
C THR E 47 -13.43 -9.54 -21.46
N ALA E 48 -13.31 -9.97 -20.21
CA ALA E 48 -12.04 -10.51 -19.72
C ALA E 48 -11.72 -11.84 -20.39
N GLU E 49 -12.73 -12.69 -20.56
CA GLU E 49 -12.52 -13.96 -21.24
C GLU E 49 -12.07 -13.73 -22.68
N ILE E 50 -12.70 -12.78 -23.38
CA ILE E 50 -12.34 -12.52 -24.76
C ILE E 50 -10.91 -11.97 -24.85
N LEU E 51 -10.60 -10.97 -24.01
CA LEU E 51 -9.28 -10.35 -24.04
C LEU E 51 -8.18 -11.30 -23.59
N GLU E 52 -8.48 -12.20 -22.65
CA GLU E 52 -7.49 -13.20 -22.24
C GLU E 52 -7.07 -14.05 -23.44
N LEU E 53 -8.05 -14.54 -24.19
CA LEU E 53 -7.74 -15.41 -25.34
C LEU E 53 -7.14 -14.61 -26.49
N ALA E 54 -7.69 -13.42 -26.77
CA ALA E 54 -7.11 -12.61 -27.84
C ALA E 54 -5.69 -12.20 -27.50
N GLY E 55 -5.42 -11.89 -26.23
CA GLY E 55 -4.06 -11.58 -25.81
C GLY E 55 -3.11 -12.75 -25.97
N ASN E 56 -3.59 -13.97 -25.73
CA ASN E 56 -2.78 -15.14 -26.02
C ASN E 56 -2.45 -15.21 -27.51
N ALA E 57 -3.47 -14.98 -28.35
CA ALA E 57 -3.27 -15.02 -29.79
C ALA E 57 -2.27 -13.95 -30.24
N ALA E 58 -2.35 -12.75 -29.65
CA ALA E 58 -1.34 -11.74 -29.94
C ALA E 58 0.05 -12.21 -29.55
N ARG E 59 0.17 -12.83 -28.38
CA ARG E 59 1.46 -13.29 -27.88
C ARG E 59 2.05 -14.38 -28.78
N ASP E 60 1.20 -15.31 -29.25
CA ASP E 60 1.67 -16.34 -30.17
C ASP E 60 2.13 -15.75 -31.48
N ASN E 61 1.45 -14.69 -31.93
CA ASN E 61 1.80 -13.99 -33.16
C ASN E 61 2.99 -13.05 -32.95
N LYS E 62 3.59 -13.06 -31.76
CA LYS E 62 4.73 -12.22 -31.40
C LYS E 62 4.41 -10.74 -31.67
N LYS E 63 3.23 -10.31 -31.24
CA LYS E 63 2.79 -8.93 -31.38
C LYS E 63 2.53 -8.33 -29.99
N THR E 64 2.76 -7.04 -29.87
CA THR E 64 2.60 -6.35 -28.59
C THR E 64 1.22 -5.75 -28.40
N ARG E 65 0.35 -5.85 -29.40
CA ARG E 65 -1.00 -5.33 -29.31
C ARG E 65 -1.96 -6.33 -29.93
N ILE E 66 -3.19 -6.30 -29.43
CA ILE E 66 -4.28 -7.08 -30.02
C ILE E 66 -4.82 -6.33 -31.23
N ILE E 67 -4.93 -7.02 -32.36
CA ILE E 67 -5.48 -6.41 -33.57
C ILE E 67 -6.71 -7.21 -33.99
N PRO E 68 -7.53 -6.73 -34.95
CA PRO E 68 -8.77 -7.47 -35.30
C PRO E 68 -8.57 -8.95 -35.55
N ARG E 69 -7.54 -9.35 -36.28
CA ARG E 69 -7.33 -10.76 -36.57
C ARG E 69 -7.16 -11.59 -35.31
N HIS E 70 -6.58 -11.01 -34.24
CA HIS E 70 -6.40 -11.75 -33.00
C HIS E 70 -7.75 -12.02 -32.32
N LEU E 71 -8.67 -11.06 -32.38
CA LEU E 71 -10.03 -11.30 -31.88
C LEU E 71 -10.73 -12.38 -32.71
N GLN E 72 -10.61 -12.31 -34.03
CA GLN E 72 -11.19 -13.34 -34.89
C GLN E 72 -10.69 -14.73 -34.52
N LEU E 73 -9.37 -14.86 -34.40
CA LEU E 73 -8.73 -16.14 -34.09
C LEU E 73 -9.23 -16.69 -32.76
N ALA E 74 -9.21 -15.85 -31.72
CA ALA E 74 -9.55 -16.34 -30.38
C ALA E 74 -11.00 -16.77 -30.31
N ILE E 75 -11.90 -16.01 -30.95
CA ILE E 75 -13.31 -16.36 -30.91
C ILE E 75 -13.56 -17.66 -31.67
N ARG E 76 -12.87 -17.87 -32.78
CA ARG E 76 -13.09 -19.05 -33.61
C ARG E 76 -12.59 -20.31 -32.93
N ASN E 77 -11.46 -20.23 -32.23
CA ASN E 77 -10.84 -21.39 -31.61
C ASN E 77 -11.44 -21.74 -30.27
N ASP E 78 -12.34 -20.93 -29.74
CA ASP E 78 -13.00 -21.22 -28.47
C ASP E 78 -14.44 -21.64 -28.77
N GLU E 79 -14.80 -22.84 -28.31
CA GLU E 79 -16.06 -23.44 -28.68
C GLU E 79 -17.23 -22.55 -28.29
N GLU E 80 -17.23 -22.08 -27.04
CA GLU E 80 -18.39 -21.36 -26.52
C GLU E 80 -18.42 -19.90 -26.99
N LEU E 81 -17.26 -19.25 -27.05
CA LEU E 81 -17.23 -17.89 -27.58
C LEU E 81 -17.63 -17.83 -29.04
N ASN E 82 -17.26 -18.85 -29.82
CA ASN E 82 -17.69 -18.88 -31.21
C ASN E 82 -19.21 -18.93 -31.33
N LYS E 83 -19.86 -19.76 -30.52
CA LYS E 83 -21.31 -19.82 -30.58
C LYS E 83 -21.94 -18.50 -30.14
N LEU E 84 -21.38 -17.87 -29.11
CA LEU E 84 -21.98 -16.66 -28.58
C LEU E 84 -21.85 -15.49 -29.55
N LEU E 85 -20.67 -15.32 -30.15
CA LEU E 85 -20.34 -14.12 -30.93
C LEU E 85 -20.06 -14.36 -32.41
N GLY E 86 -19.99 -15.62 -32.86
CA GLY E 86 -19.50 -15.97 -34.19
C GLY E 86 -19.86 -15.08 -35.35
N ARG E 87 -21.14 -14.76 -35.50
CA ARG E 87 -21.60 -13.88 -36.57
C ARG E 87 -22.52 -12.79 -36.02
N LYS F 9 -24.52 4.99 -30.36
CA LYS F 9 -23.79 3.77 -30.03
C LYS F 9 -22.92 3.98 -28.79
N GLU F 10 -23.14 3.14 -27.77
CA GLU F 10 -22.44 3.29 -26.51
C GLU F 10 -20.98 2.85 -26.64
N SER F 11 -20.11 3.54 -25.90
CA SER F 11 -18.67 3.25 -25.92
C SER F 11 -18.19 2.85 -24.54
N TYR F 12 -17.47 1.74 -24.47
CA TYR F 12 -16.92 1.24 -23.22
C TYR F 12 -15.40 1.18 -23.24
N SER F 13 -14.76 1.99 -24.08
CA SER F 13 -13.35 1.77 -24.44
C SER F 13 -12.43 1.77 -23.22
N ILE F 14 -12.60 2.73 -22.31
CA ILE F 14 -11.64 2.80 -21.21
C ILE F 14 -11.82 1.62 -20.27
N TYR F 15 -13.04 1.08 -20.18
CA TYR F 15 -13.26 -0.07 -19.30
C TYR F 15 -12.72 -1.35 -19.92
N VAL F 16 -12.89 -1.52 -21.24
CA VAL F 16 -12.29 -2.65 -21.93
C VAL F 16 -10.77 -2.63 -21.76
N TYR F 17 -10.17 -1.45 -21.89
CA TYR F 17 -8.72 -1.35 -21.74
C TYR F 17 -8.27 -1.67 -20.32
N LYS F 18 -9.02 -1.24 -19.29
CA LYS F 18 -8.65 -1.58 -17.92
C LYS F 18 -8.77 -3.07 -17.67
N VAL F 19 -9.76 -3.73 -18.29
CA VAL F 19 -9.84 -5.18 -18.19
C VAL F 19 -8.63 -5.80 -18.89
N LEU F 20 -8.29 -5.31 -20.09
CA LEU F 20 -7.08 -5.78 -20.75
C LEU F 20 -5.86 -5.63 -19.84
N LYS F 21 -5.74 -4.49 -19.15
CA LYS F 21 -4.58 -4.30 -18.27
C LYS F 21 -4.60 -5.29 -17.10
N GLN F 22 -5.77 -5.80 -16.75
CA GLN F 22 -5.84 -6.81 -15.71
C GLN F 22 -5.39 -8.19 -16.19
N VAL F 23 -5.82 -8.61 -17.39
CA VAL F 23 -5.49 -9.95 -17.87
C VAL F 23 -4.14 -9.99 -18.57
N HIS F 24 -3.75 -8.94 -19.29
CA HIS F 24 -2.46 -8.91 -20.01
C HIS F 24 -1.87 -7.52 -19.87
N PRO F 25 -1.25 -7.22 -18.71
CA PRO F 25 -0.79 -5.84 -18.44
C PRO F 25 0.08 -5.23 -19.50
N ASP F 26 0.91 -6.01 -20.17
CA ASP F 26 1.90 -5.48 -21.09
C ASP F 26 1.39 -5.34 -22.52
N THR F 27 0.10 -5.59 -22.77
CA THR F 27 -0.42 -5.67 -24.13
C THR F 27 -1.28 -4.45 -24.45
N GLY F 28 -1.13 -3.95 -25.68
CA GLY F 28 -1.98 -2.89 -26.19
C GLY F 28 -3.12 -3.43 -27.03
N ILE F 29 -3.83 -2.51 -27.68
CA ILE F 29 -4.96 -2.89 -28.52
C ILE F 29 -5.15 -1.82 -29.58
N SER F 30 -5.40 -2.26 -30.81
CA SER F 30 -5.57 -1.32 -31.90
C SER F 30 -6.95 -0.66 -31.82
N SER F 31 -7.09 0.44 -32.56
CA SER F 31 -8.35 1.17 -32.60
C SER F 31 -9.48 0.30 -33.16
N LYS F 32 -9.19 -0.45 -34.23
CA LYS F 32 -10.24 -1.27 -34.84
C LYS F 32 -10.64 -2.43 -33.93
N ALA F 33 -9.67 -3.01 -33.23
CA ALA F 33 -9.98 -4.06 -32.27
C ALA F 33 -10.85 -3.53 -31.14
N MET F 34 -10.63 -2.27 -30.73
CA MET F 34 -11.44 -1.68 -29.67
C MET F 34 -12.88 -1.45 -30.14
N GLY F 35 -13.05 -1.03 -31.39
CA GLY F 35 -14.40 -0.93 -31.94
C GLY F 35 -15.13 -2.27 -31.93
N ILE F 36 -14.44 -3.33 -32.34
CA ILE F 36 -15.00 -4.68 -32.28
C ILE F 36 -15.37 -5.04 -30.84
N MET F 37 -14.52 -4.69 -29.86
CA MET F 37 -14.85 -4.98 -28.48
C MET F 37 -16.11 -4.24 -28.04
N ASN F 38 -16.20 -2.95 -28.39
CA ASN F 38 -17.40 -2.18 -28.04
C ASN F 38 -18.64 -2.80 -28.70
N SER F 39 -18.50 -3.29 -29.93
CA SER F 39 -19.61 -3.96 -30.60
C SER F 39 -20.03 -5.21 -29.84
N PHE F 40 -19.07 -6.00 -29.37
CA PHE F 40 -19.38 -7.16 -28.55
C PHE F 40 -20.18 -6.77 -27.31
N VAL F 41 -19.71 -5.75 -26.58
CA VAL F 41 -20.36 -5.38 -25.33
C VAL F 41 -21.78 -4.91 -25.58
N ASN F 42 -21.96 -4.00 -26.54
CA ASN F 42 -23.29 -3.47 -26.80
C ASN F 42 -24.25 -4.57 -27.26
N ASP F 43 -23.74 -5.50 -28.07
CA ASP F 43 -24.55 -6.62 -28.55
C ASP F 43 -25.01 -7.49 -27.39
N ILE F 44 -24.09 -7.87 -26.49
CA ILE F 44 -24.45 -8.75 -25.38
C ILE F 44 -25.38 -8.03 -24.41
N PHE F 45 -25.08 -6.76 -24.11
CA PHE F 45 -25.99 -5.96 -23.29
C PHE F 45 -27.42 -6.03 -23.81
N GLU F 46 -27.61 -5.74 -25.10
CA GLU F 46 -28.96 -5.71 -25.66
C GLU F 46 -29.59 -7.09 -25.69
N ARG F 47 -28.80 -8.13 -25.94
CA ARG F 47 -29.37 -9.48 -25.96
C ARG F 47 -29.90 -9.86 -24.59
N ILE F 48 -29.12 -9.59 -23.54
CA ILE F 48 -29.53 -9.96 -22.20
C ILE F 48 -30.65 -9.04 -21.72
N ALA F 49 -30.47 -7.73 -21.91
CA ALA F 49 -31.49 -6.78 -21.51
C ALA F 49 -32.83 -7.07 -22.20
N GLY F 50 -32.80 -7.39 -23.48
CA GLY F 50 -34.04 -7.67 -24.18
C GLY F 50 -34.74 -8.91 -23.65
N GLU F 51 -33.98 -9.97 -23.40
CA GLU F 51 -34.60 -11.19 -22.91
C GLU F 51 -35.10 -11.02 -21.49
N ALA F 52 -34.29 -10.39 -20.63
CA ALA F 52 -34.73 -10.06 -19.28
C ALA F 52 -36.02 -9.23 -19.30
N SER F 53 -36.15 -8.32 -20.26
CA SER F 53 -37.39 -7.56 -20.43
C SER F 53 -38.57 -8.48 -20.73
N ARG F 54 -38.37 -9.39 -21.67
CA ARG F 54 -39.43 -10.34 -22.02
C ARG F 54 -39.78 -11.23 -20.83
N LEU F 55 -38.75 -11.73 -20.13
CA LEU F 55 -38.94 -12.58 -18.96
C LEU F 55 -39.73 -11.88 -17.86
N ALA F 56 -39.45 -10.60 -17.61
CA ALA F 56 -40.21 -9.91 -16.57
C ALA F 56 -41.67 -9.78 -16.97
N HIS F 57 -41.92 -9.52 -18.25
CA HIS F 57 -43.29 -9.45 -18.73
C HIS F 57 -43.97 -10.83 -18.65
N TYR F 58 -43.26 -11.92 -18.99
CA TYR F 58 -43.89 -13.24 -18.87
C TYR F 58 -44.25 -13.55 -17.44
N ASN F 59 -43.41 -13.14 -16.49
CA ASN F 59 -43.63 -13.36 -15.07
C ASN F 59 -44.52 -12.30 -14.43
N LYS F 60 -45.13 -11.42 -15.24
CA LYS F 60 -46.11 -10.42 -14.77
C LYS F 60 -45.48 -9.46 -13.76
N ARG F 61 -44.27 -9.01 -14.03
CA ARG F 61 -43.55 -8.09 -13.16
C ARG F 61 -43.25 -6.82 -13.93
N SER F 62 -43.36 -5.70 -13.22
CA SER F 62 -43.09 -4.38 -13.78
C SER F 62 -41.64 -3.96 -13.62
N THR F 63 -40.83 -4.76 -12.93
CA THR F 63 -39.46 -4.38 -12.63
C THR F 63 -38.50 -5.52 -12.97
N ILE F 64 -37.41 -5.18 -13.64
CA ILE F 64 -36.36 -6.14 -13.96
C ILE F 64 -35.37 -6.17 -12.79
N THR F 65 -35.21 -7.34 -12.18
CA THR F 65 -34.24 -7.53 -11.12
C THR F 65 -33.10 -8.44 -11.62
N SER F 66 -32.17 -8.75 -10.73
CA SER F 66 -31.06 -9.63 -11.08
C SER F 66 -31.54 -11.05 -11.37
N ARG F 67 -32.73 -11.41 -10.88
CA ARG F 67 -33.27 -12.74 -11.19
C ARG F 67 -33.59 -12.85 -12.68
N GLU F 68 -34.13 -11.78 -13.27
CA GLU F 68 -34.38 -11.79 -14.72
C GLU F 68 -33.09 -11.76 -15.51
N ILE F 69 -32.10 -10.96 -15.06
CA ILE F 69 -30.79 -10.96 -15.70
C ILE F 69 -30.19 -12.36 -15.65
N GLN F 70 -30.29 -13.01 -14.50
CA GLN F 70 -29.69 -14.33 -14.31
C GLN F 70 -30.33 -15.35 -15.22
N THR F 71 -31.67 -15.37 -15.27
CA THR F 71 -32.33 -16.31 -16.16
C THR F 71 -31.95 -16.06 -17.62
N ALA F 72 -31.89 -14.79 -18.03
CA ALA F 72 -31.51 -14.45 -19.39
C ALA F 72 -30.11 -14.97 -19.72
N VAL F 73 -29.18 -14.86 -18.77
CA VAL F 73 -27.81 -15.32 -19.02
C VAL F 73 -27.80 -16.82 -19.26
N ARG F 74 -28.55 -17.58 -18.45
CA ARG F 74 -28.58 -19.03 -18.61
C ARG F 74 -29.18 -19.45 -19.94
N LEU F 75 -30.15 -18.68 -20.44
CA LEU F 75 -30.80 -19.03 -21.70
C LEU F 75 -29.95 -18.65 -22.90
N LEU F 76 -29.19 -17.57 -22.81
CA LEU F 76 -28.54 -16.99 -23.99
C LEU F 76 -27.07 -17.35 -24.11
N LEU F 77 -26.41 -17.73 -23.00
CA LEU F 77 -24.97 -18.01 -23.08
C LEU F 77 -24.71 -19.51 -23.11
N PRO F 78 -23.69 -19.95 -23.86
CA PRO F 78 -23.36 -21.37 -23.84
C PRO F 78 -22.86 -21.81 -22.47
N GLY F 79 -22.92 -23.12 -22.26
CA GLY F 79 -22.82 -23.72 -20.94
C GLY F 79 -21.82 -23.16 -19.94
N GLU F 80 -20.52 -23.30 -20.21
CA GLU F 80 -19.54 -22.94 -19.19
C GLU F 80 -19.44 -21.43 -19.01
N LEU F 81 -19.54 -20.66 -20.10
CA LEU F 81 -19.60 -19.20 -19.97
C LEU F 81 -20.72 -18.78 -19.04
N ALA F 82 -21.86 -19.47 -19.10
CA ALA F 82 -23.02 -19.04 -18.33
C ALA F 82 -22.84 -19.33 -16.85
N LYS F 83 -22.27 -20.49 -16.51
CA LYS F 83 -22.01 -20.81 -15.12
C LYS F 83 -21.05 -19.80 -14.49
N HIS F 84 -19.98 -19.44 -15.19
CA HIS F 84 -19.06 -18.45 -14.64
C HIS F 84 -19.69 -17.06 -14.63
N ALA F 85 -20.44 -16.73 -15.68
CA ALA F 85 -21.14 -15.43 -15.70
C ALA F 85 -22.11 -15.31 -14.52
N VAL F 86 -22.82 -16.39 -14.20
CA VAL F 86 -23.71 -16.38 -13.05
C VAL F 86 -22.93 -16.19 -11.75
N SER F 87 -21.77 -16.86 -11.62
CA SER F 87 -20.93 -16.68 -10.45
C SER F 87 -20.52 -15.23 -10.28
N GLU F 88 -20.00 -14.63 -11.36
CA GLU F 88 -19.58 -13.24 -11.31
C GLU F 88 -20.74 -12.30 -10.98
N GLY F 89 -21.85 -12.47 -11.68
CA GLY F 89 -23.01 -11.61 -11.41
C GLY F 89 -23.49 -11.73 -9.99
N THR F 90 -23.67 -12.97 -9.52
CA THR F 90 -24.13 -13.19 -8.16
C THR F 90 -23.13 -12.64 -7.15
N LYS F 91 -21.83 -12.82 -7.43
CA LYS F 91 -20.79 -12.29 -6.55
C LYS F 91 -20.89 -10.78 -6.44
N ALA F 92 -20.99 -10.09 -7.58
CA ALA F 92 -21.04 -8.63 -7.56
C ALA F 92 -22.25 -8.13 -6.78
N VAL F 93 -23.41 -8.75 -6.95
CA VAL F 93 -24.61 -8.30 -6.25
C VAL F 93 -24.45 -8.49 -4.74
N THR F 94 -24.00 -9.69 -4.33
CA THR F 94 -23.76 -9.95 -2.91
C THR F 94 -22.80 -8.92 -2.32
N LYS F 95 -21.71 -8.65 -3.03
CA LYS F 95 -20.81 -7.58 -2.65
C LYS F 95 -21.56 -6.26 -2.51
N TYR F 96 -22.42 -5.96 -3.48
CA TYR F 96 -23.08 -4.66 -3.52
C TYR F 96 -24.07 -4.47 -2.39
N THR F 97 -24.64 -5.57 -1.87
CA THR F 97 -25.63 -5.46 -0.80
C THR F 97 -24.97 -5.06 0.51
N SER F 98 -23.85 -5.68 0.84
CA SER F 98 -23.15 -5.38 2.09
C SER F 98 -22.08 -4.32 1.88
N GLU G 17 10.94 -25.88 13.57
CA GLU G 17 11.17 -26.82 12.48
C GLU G 17 10.89 -26.18 11.12
N SER G 18 9.90 -25.29 11.07
CA SER G 18 9.72 -24.48 9.87
C SER G 18 10.90 -23.53 9.67
N GLU G 19 11.55 -23.13 10.77
CA GLU G 19 12.68 -22.21 10.68
C GLU G 19 13.88 -22.85 9.98
N ILE G 20 14.10 -24.14 10.16
CA ILE G 20 15.28 -24.74 9.56
C ILE G 20 15.05 -25.06 8.07
N GLU G 21 13.80 -25.33 7.67
CA GLU G 21 13.49 -25.49 6.25
C GLU G 21 13.46 -24.16 5.50
N ASP G 22 13.17 -23.04 6.19
CA ASP G 22 13.02 -21.73 5.56
C ASP G 22 13.53 -20.70 6.57
N GLU G 23 14.83 -20.40 6.48
CA GLU G 23 15.47 -19.52 7.46
C GLU G 23 14.79 -18.16 7.53
N THR G 24 14.68 -17.62 8.74
CA THR G 24 14.14 -16.26 8.87
C THR G 24 15.07 -15.25 8.20
N PHE G 25 14.48 -14.32 7.48
CA PHE G 25 15.29 -13.24 6.89
C PHE G 25 16.01 -12.47 8.00
N ASN G 26 17.33 -12.38 7.89
CA ASN G 26 18.11 -11.68 8.89
C ASN G 26 18.55 -10.35 8.31
N PRO G 27 18.00 -9.21 8.77
CA PRO G 27 18.37 -7.93 8.15
C PRO G 27 19.76 -7.45 8.54
N SER G 28 20.42 -8.08 9.52
CA SER G 28 21.73 -7.60 9.95
C SER G 28 22.78 -7.76 8.86
N GLU G 29 22.63 -8.76 8.00
CA GLU G 29 23.62 -9.03 6.96
C GLU G 29 23.80 -7.85 6.00
N GLU H 21 -2.43 3.67 -40.55
CA GLU H 21 -2.85 2.29 -40.74
C GLU H 21 -4.04 1.95 -39.85
N ASP H 22 -3.78 1.18 -38.78
CA ASP H 22 -4.74 0.90 -37.70
C ASP H 22 -4.05 1.36 -36.43
N GLU H 23 -4.38 2.57 -35.97
CA GLU H 23 -3.62 3.19 -34.90
C GLU H 23 -3.97 2.59 -33.54
N THR H 24 -2.97 2.57 -32.66
CA THR H 24 -3.13 1.98 -31.35
C THR H 24 -4.07 2.83 -30.49
N PHE H 25 -5.02 2.17 -29.83
CA PHE H 25 -5.86 2.87 -28.87
C PHE H 25 -4.99 3.55 -27.82
N ASN H 26 -5.31 4.81 -27.53
CA ASN H 26 -4.53 5.60 -26.58
C ASN H 26 -5.41 5.94 -25.39
N PRO H 27 -5.25 5.24 -24.27
CA PRO H 27 -6.19 5.43 -23.16
C PRO H 27 -6.13 6.79 -22.51
N SER H 28 -5.03 7.53 -22.61
CA SER H 28 -4.98 8.85 -22.00
C SER H 28 -5.73 9.89 -22.82
N GLU H 29 -6.42 9.49 -23.89
CA GLU H 29 -7.22 10.41 -24.68
C GLU H 29 -8.53 9.77 -25.13
N GLY I 14 -7.93 33.30 31.50
CA GLY I 14 -8.64 32.12 31.05
C GLY I 14 -7.77 30.88 30.97
N ASP I 15 -6.65 30.89 31.70
CA ASP I 15 -5.75 29.74 31.72
C ASP I 15 -5.74 29.01 33.05
N SER I 16 -6.12 29.66 34.16
CA SER I 16 -6.41 28.89 35.36
C SER I 16 -7.64 28.02 35.19
N GLU I 17 -8.50 28.31 34.21
CA GLU I 17 -9.59 27.40 33.87
C GLU I 17 -9.06 26.11 33.24
N SER I 18 -8.12 26.23 32.30
CA SER I 18 -7.48 25.05 31.75
C SER I 18 -6.74 24.26 32.83
N GLU I 19 -6.09 24.96 33.76
CA GLU I 19 -5.38 24.32 34.86
C GLU I 19 -6.31 23.49 35.72
N ILE I 20 -7.55 23.96 35.90
CA ILE I 20 -8.54 23.19 36.66
C ILE I 20 -8.82 21.86 35.96
N GLU I 21 -9.00 21.92 34.63
CA GLU I 21 -9.35 20.74 33.85
C GLU I 21 -8.19 19.76 33.78
N ASP I 22 -6.94 20.26 33.72
CA ASP I 22 -5.77 19.43 33.45
C ASP I 22 -4.56 20.16 34.03
N GLU I 23 -4.13 19.76 35.21
CA GLU I 23 -3.17 20.56 35.97
C GLU I 23 -1.79 20.50 35.32
N THR I 24 -1.02 21.58 35.48
CA THR I 24 0.31 21.65 34.87
C THR I 24 1.27 20.71 35.60
N PHE I 25 2.05 19.95 34.83
CA PHE I 25 3.08 19.12 35.45
C PHE I 25 4.05 19.98 36.24
N ASN I 26 4.24 19.63 37.51
CA ASN I 26 5.08 20.38 38.44
C ASN I 26 6.22 19.50 38.91
N PRO I 27 7.47 19.77 38.53
CA PRO I 27 8.57 18.87 38.87
C PRO I 27 8.91 18.81 40.34
N SER I 28 8.46 19.77 41.15
CA SER I 28 8.67 19.69 42.59
C SER I 28 7.38 19.30 43.33
CL CL J . 27.66 -2.97 24.11
CL CL K . 8.37 14.37 -13.34
#